data_3L51
#
_entry.id   3L51
#
_cell.length_a   33.455
_cell.length_b   96.741
_cell.length_c   54.537
_cell.angle_alpha   90.00
_cell.angle_beta   92.84
_cell.angle_gamma   90.00
#
_symmetry.space_group_name_H-M   'P 1 21 1'
#
loop_
_entity.id
_entity.type
_entity.pdbx_description
1 polymer 'Structural maintenance of chromosomes protein 2'
2 polymer 'Structural maintenance of chromosomes protein 4'
3 non-polymer GLYCEROL
4 water water
#
loop_
_entity_poly.entity_id
_entity_poly.type
_entity_poly.pdbx_seq_one_letter_code
_entity_poly.pdbx_strand_id
1 'polypeptide(L)'
;LQFAYKDPEKNWNRNSVKGLVASLINVKDNSTATALEVVAGERLYNVVVDTEVTAKKLLEKGELKRRYTIIPLNKISARC
IAPETLRVAQNLVGPDNVHVALSLVDYKPELQKG(MSE)EFVFGTTFVCNN(MSE)DNAKKVAFDKRI(MSE)TRTVTLG
GDVFDPHGTLSGG
;
A
2 'polypeptide(L)'
;GKVLDAIIQEKKSGRIPGIYGRLGDLGAIDEKYDIAISSCCHALDYIVVDSIDTAQECVNFLKKHNIGIATFIGLDK
(MSE)TVWAKK(MSE)SKIQTPENTPRLFDLVKVKNEEIRQAFYFALRDTLVANNLDQATRVAYQRDRRWRVVTLQGQII
EQSGT(MSE)SGGLEHHHHHH
;
B
#
# COMPACT_ATOMS: atom_id res chain seq x y z
N LEU A 1 12.87 10.86 18.09
CA LEU A 1 12.89 11.89 17.06
C LEU A 1 11.47 12.34 16.69
N GLN A 2 11.26 13.64 16.69
CA GLN A 2 9.95 14.20 16.40
C GLN A 2 9.83 14.51 14.92
N PHE A 3 8.59 14.67 14.46
CA PHE A 3 8.31 15.16 13.13
C PHE A 3 8.68 16.64 13.07
N ALA A 4 9.48 17.00 12.07
CA ALA A 4 9.92 18.37 11.88
C ALA A 4 9.38 18.91 10.56
N TYR A 5 8.97 20.18 10.55
CA TYR A 5 8.49 20.80 9.33
C TYR A 5 8.61 22.32 9.41
N LYS A 6 8.66 22.96 8.24
CA LYS A 6 8.57 24.40 8.15
C LYS A 6 7.09 24.79 8.08
N ASP A 7 6.69 25.82 8.81
CA ASP A 7 5.30 26.28 8.74
C ASP A 7 4.91 26.45 7.28
N PRO A 8 3.83 25.79 6.85
CA PRO A 8 3.46 25.91 5.44
C PRO A 8 2.96 27.29 5.05
N GLU A 9 2.53 28.07 6.04
CA GLU A 9 2.01 29.40 5.79
C GLU A 9 1.96 30.15 7.12
N LYS A 10 1.61 31.43 7.07
CA LYS A 10 1.57 32.25 8.28
C LYS A 10 0.41 31.84 9.18
N ASN A 11 0.52 32.18 10.47
CA ASN A 11 -0.54 31.91 11.44
C ASN A 11 -0.86 30.42 11.55
N TRP A 12 0.18 29.61 11.46
CA TRP A 12 0.01 28.16 11.44
C TRP A 12 -0.40 27.62 12.81
N ASN A 13 -1.48 26.86 12.83
CA ASN A 13 -1.93 26.21 14.06
C ASN A 13 -1.18 24.90 14.27
N ARG A 14 -0.19 24.93 15.16
CA ARG A 14 0.63 23.75 15.40
C ARG A 14 -0.18 22.56 15.93
N ASN A 15 -1.32 22.84 16.55
CA ASN A 15 -2.19 21.78 17.05
CA ASN A 15 -2.19 21.78 17.05
C ASN A 15 -2.78 20.91 15.94
N SER A 16 -2.73 21.39 14.71
CA SER A 16 -3.25 20.62 13.58
C SER A 16 -2.36 19.43 13.27
N VAL A 17 -1.12 19.44 13.76
CA VAL A 17 -0.19 18.35 13.50
C VAL A 17 0.03 17.57 14.80
N LYS A 18 -0.45 16.33 14.84
CA LYS A 18 -0.36 15.56 16.08
C LYS A 18 0.99 14.88 16.25
N GLY A 19 1.58 14.42 15.15
CA GLY A 19 2.92 13.86 15.18
C GLY A 19 3.00 12.41 14.72
N LEU A 20 4.16 11.80 14.91
CA LEU A 20 4.37 10.42 14.51
C LEU A 20 3.50 9.48 15.32
N VAL A 21 2.93 8.48 14.66
CA VAL A 21 2.13 7.47 15.36
C VAL A 21 2.84 6.92 16.61
N ALA A 22 4.12 6.62 16.50
CA ALA A 22 4.89 6.05 17.60
C ALA A 22 4.89 6.95 18.84
N SER A 23 4.75 8.26 18.63
CA SER A 23 4.81 9.21 19.74
CA SER A 23 4.80 9.22 19.74
C SER A 23 3.44 9.42 20.38
N LEU A 24 2.41 8.82 19.81
CA LEU A 24 1.04 9.05 20.24
C LEU A 24 0.40 7.87 20.98
N ILE A 25 1.13 6.78 21.12
CA ILE A 25 0.58 5.60 21.74
C ILE A 25 1.25 5.26 23.06
N ASN A 26 0.48 4.64 23.95
CA ASN A 26 0.95 4.17 25.24
C ASN A 26 0.59 2.69 25.31
N VAL A 27 1.59 1.82 25.20
CA VAL A 27 1.33 0.38 25.26
C VAL A 27 0.83 -0.01 26.65
N LYS A 28 -0.27 -0.75 26.73
CA LYS A 28 -0.85 -1.09 28.02
C LYS A 28 0.02 -2.05 28.84
N ASP A 29 0.77 -2.90 28.16
CA ASP A 29 1.57 -3.93 28.81
C ASP A 29 2.83 -4.12 27.97
N ASN A 30 4.00 -3.85 28.56
CA ASN A 30 5.26 -3.91 27.82
C ASN A 30 5.50 -5.26 27.12
N SER A 31 4.91 -6.33 27.63
CA SER A 31 5.10 -7.65 27.03
C SER A 31 4.43 -7.80 25.67
N THR A 32 3.63 -6.80 25.28
CA THR A 32 2.98 -6.83 23.96
C THR A 32 3.64 -5.88 22.94
N ALA A 33 4.68 -5.16 23.38
CA ALA A 33 5.31 -4.17 22.50
C ALA A 33 5.91 -4.76 21.22
N THR A 34 6.55 -5.91 21.34
CA THR A 34 7.11 -6.57 20.17
C THR A 34 6.03 -6.85 19.12
N ALA A 35 4.90 -7.38 19.56
CA ALA A 35 3.78 -7.64 18.66
C ALA A 35 3.25 -6.36 18.02
N LEU A 36 3.08 -5.32 18.84
CA LEU A 36 2.50 -4.08 18.35
C LEU A 36 3.40 -3.41 17.33
N GLU A 37 4.71 -3.51 17.55
CA GLU A 37 5.66 -2.94 16.61
C GLU A 37 5.51 -3.62 15.26
N VAL A 38 5.31 -4.93 15.27
CA VAL A 38 5.13 -5.69 14.03
C VAL A 38 3.77 -5.39 13.40
N VAL A 39 2.75 -5.21 14.23
CA VAL A 39 1.43 -4.84 13.72
C VAL A 39 1.51 -3.52 12.93
N ALA A 40 2.15 -2.52 13.52
CA ALA A 40 2.25 -1.20 12.88
C ALA A 40 3.27 -1.14 11.75
N GLY A 41 4.41 -1.79 11.95
CA GLY A 41 5.52 -1.67 11.00
C GLY A 41 5.85 -0.22 10.71
N GLU A 42 6.02 0.08 9.42
CA GLU A 42 6.41 1.43 9.02
CA GLU A 42 6.39 1.43 8.98
C GLU A 42 5.35 2.47 9.37
N ARG A 43 4.14 2.04 9.72
CA ARG A 43 3.10 3.00 10.11
C ARG A 43 3.41 3.68 11.45
N LEU A 44 4.36 3.13 12.21
CA LEU A 44 4.84 3.82 13.40
C LEU A 44 5.34 5.22 13.04
N TYR A 45 5.77 5.41 11.80
CA TYR A 45 6.37 6.69 11.40
C TYR A 45 5.49 7.44 10.41
N ASN A 46 4.24 7.02 10.28
CA ASN A 46 3.24 7.86 9.64
C ASN A 46 2.97 9.06 10.55
N VAL A 47 2.57 10.17 9.95
CA VAL A 47 2.30 11.38 10.70
C VAL A 47 0.79 11.61 10.75
N VAL A 48 0.26 11.84 11.95
CA VAL A 48 -1.16 12.09 12.12
C VAL A 48 -1.45 13.59 12.16
N VAL A 49 -2.44 14.03 11.37
CA VAL A 49 -2.85 15.44 11.36
C VAL A 49 -4.37 15.53 11.40
N ASP A 50 -4.89 16.74 11.61
CA ASP A 50 -6.34 16.88 11.73
C ASP A 50 -7.09 16.64 10.42
N THR A 51 -6.62 17.21 9.31
CA THR A 51 -7.40 17.16 8.07
C THR A 51 -6.54 16.97 6.83
N GLU A 52 -7.21 16.66 5.72
CA GLU A 52 -6.56 16.54 4.43
C GLU A 52 -5.96 17.85 3.92
N VAL A 53 -6.51 18.97 4.37
CA VAL A 53 -5.98 20.28 4.01
C VAL A 53 -4.64 20.49 4.69
N THR A 54 -4.56 20.16 5.97
CA THR A 54 -3.30 20.24 6.70
C THR A 54 -2.27 19.30 6.07
N ALA A 55 -2.70 18.08 5.74
CA ALA A 55 -1.80 17.13 5.09
C ALA A 55 -1.24 17.70 3.79
N LYS A 56 -2.11 18.26 2.96
CA LYS A 56 -1.69 18.81 1.68
C LYS A 56 -0.68 19.95 1.86
N LYS A 57 -0.96 20.84 2.81
CA LYS A 57 -0.08 21.98 3.04
C LYS A 57 1.30 21.54 3.53
N LEU A 58 1.33 20.51 4.38
CA LEU A 58 2.62 19.97 4.83
C LEU A 58 3.40 19.37 3.68
N LEU A 59 2.73 18.54 2.88
CA LEU A 59 3.41 17.88 1.78
C LEU A 59 3.95 18.87 0.76
N GLU A 60 3.19 19.92 0.49
CA GLU A 60 3.59 20.91 -0.52
C GLU A 60 4.56 21.96 -0.02
N LYS A 61 4.38 22.42 1.21
CA LYS A 61 5.09 23.60 1.67
C LYS A 61 5.87 23.41 2.98
N GLY A 62 5.88 22.20 3.50
CA GLY A 62 6.51 21.95 4.78
C GLY A 62 8.00 21.69 4.74
N GLU A 63 8.57 21.67 3.54
N GLU A 63 8.56 21.65 3.54
CA GLU A 63 9.98 21.36 3.36
CA GLU A 63 9.99 21.37 3.36
C GLU A 63 10.36 20.08 4.09
C GLU A 63 10.37 20.08 4.08
N LEU A 64 9.52 19.07 3.94
CA LEU A 64 9.71 17.80 4.61
C LEU A 64 11.00 17.13 4.17
N LYS A 65 11.68 16.49 5.11
CA LYS A 65 13.02 15.99 4.84
CA LYS A 65 13.03 15.98 4.87
C LYS A 65 13.07 14.58 4.26
N ARG A 66 11.91 13.95 4.11
CA ARG A 66 11.78 12.65 3.45
CA ARG A 66 11.79 12.67 3.43
C ARG A 66 10.37 12.51 2.92
N ARG A 67 10.12 11.41 2.21
CA ARG A 67 8.75 11.10 1.85
C ARG A 67 8.01 10.65 3.13
N TYR A 68 6.86 11.25 3.38
CA TYR A 68 6.02 10.90 4.52
C TYR A 68 4.67 10.36 4.07
N THR A 69 4.10 9.49 4.88
CA THR A 69 2.71 9.11 4.71
C THR A 69 1.93 9.76 5.86
N ILE A 70 0.91 10.54 5.51
CA ILE A 70 0.14 11.31 6.49
C ILE A 70 -1.26 10.74 6.64
N ILE A 71 -1.68 10.60 7.90
CA ILE A 71 -3.02 10.13 8.25
C ILE A 71 -3.87 11.34 8.64
N PRO A 72 -4.80 11.77 7.77
CA PRO A 72 -5.67 12.90 8.10
C PRO A 72 -6.89 12.38 8.87
N LEU A 73 -7.06 12.82 10.11
CA LEU A 73 -8.09 12.24 10.96
C LEU A 73 -9.50 12.39 10.40
N ASN A 74 -9.76 13.45 9.66
CA ASN A 74 -11.13 13.65 9.16
C ASN A 74 -11.47 12.83 7.92
N LYS A 75 -10.47 12.19 7.32
CA LYS A 75 -10.72 11.35 6.14
C LYS A 75 -10.30 9.89 6.32
N ILE A 76 -9.38 9.60 7.24
CA ILE A 76 -8.89 8.22 7.37
C ILE A 76 -10.06 7.27 7.61
N SER A 77 -10.04 6.13 6.92
CA SER A 77 -11.18 5.23 6.97
C SER A 77 -10.74 3.78 6.90
N ALA A 78 -10.47 3.21 8.07
CA ALA A 78 -10.03 1.83 8.20
C ALA A 78 -11.12 0.83 7.82
N ARG A 79 -10.70 -0.30 7.27
CA ARG A 79 -11.59 -1.45 7.15
C ARG A 79 -11.31 -2.33 8.38
N CYS A 80 -12.05 -2.04 9.44
CA CYS A 80 -11.80 -2.60 10.77
C CYS A 80 -12.21 -4.05 10.93
N ILE A 81 -11.61 -4.71 11.92
CA ILE A 81 -12.10 -6.00 12.35
C ILE A 81 -13.48 -5.78 12.97
N ALA A 82 -14.47 -6.48 12.46
CA ALA A 82 -15.84 -6.39 12.97
C ALA A 82 -16.00 -7.14 14.28
N PRO A 83 -16.96 -6.72 15.12
CA PRO A 83 -17.21 -7.42 16.39
C PRO A 83 -17.51 -8.91 16.19
N GLU A 84 -18.24 -9.25 15.14
CA GLU A 84 -18.56 -10.64 14.88
C GLU A 84 -17.29 -11.46 14.59
N THR A 85 -16.35 -10.83 13.88
CA THR A 85 -15.09 -11.50 13.54
C THR A 85 -14.30 -11.81 14.81
N LEU A 86 -14.24 -10.85 15.73
CA LEU A 86 -13.61 -11.09 17.02
C LEU A 86 -14.32 -12.19 17.81
N ARG A 87 -15.66 -12.18 17.79
CA ARG A 87 -16.43 -13.20 18.51
C ARG A 87 -16.06 -14.59 18.02
N VAL A 88 -16.00 -14.73 16.70
CA VAL A 88 -15.66 -16.00 16.08
C VAL A 88 -14.23 -16.40 16.44
N ALA A 89 -13.30 -15.45 16.39
CA ALA A 89 -11.91 -15.72 16.76
C ALA A 89 -11.79 -16.20 18.21
N GLN A 90 -12.49 -15.52 19.11
CA GLN A 90 -12.45 -15.88 20.53
C GLN A 90 -12.99 -17.28 20.77
N ASN A 91 -14.05 -17.64 20.06
CA ASN A 91 -14.60 -18.98 20.17
C ASN A 91 -13.68 -20.05 19.58
N LEU A 92 -12.84 -19.62 18.65
CA LEU A 92 -11.92 -20.53 17.95
C LEU A 92 -10.69 -20.90 18.79
N VAL A 93 -10.07 -19.91 19.42
CA VAL A 93 -8.83 -20.15 20.17
C VAL A 93 -8.90 -19.76 21.65
N GLY A 94 -10.02 -19.16 22.07
CA GLY A 94 -10.18 -18.72 23.45
C GLY A 94 -9.93 -17.22 23.57
N PRO A 95 -10.78 -16.52 24.34
CA PRO A 95 -10.69 -15.06 24.41
C PRO A 95 -9.40 -14.55 25.06
N ASP A 96 -8.70 -15.40 25.80
CA ASP A 96 -7.42 -15.00 26.38
C ASP A 96 -6.33 -14.93 25.32
N ASN A 97 -6.57 -15.56 24.18
CA ASN A 97 -5.50 -15.83 23.22
C ASN A 97 -5.59 -15.05 21.93
N VAL A 98 -6.58 -14.19 21.81
CA VAL A 98 -6.74 -13.34 20.62
C VAL A 98 -7.36 -12.01 20.99
N HIS A 99 -6.74 -10.93 20.50
CA HIS A 99 -7.24 -9.58 20.72
C HIS A 99 -7.06 -8.76 19.46
N VAL A 100 -7.97 -7.83 19.23
CA VAL A 100 -7.69 -6.81 18.21
C VAL A 100 -6.53 -5.96 18.74
N ALA A 101 -5.55 -5.67 17.88
CA ALA A 101 -4.35 -4.99 18.35
C ALA A 101 -4.68 -3.66 19.04
N LEU A 102 -5.71 -2.98 18.53
CA LEU A 102 -6.11 -1.69 19.06
C LEU A 102 -6.40 -1.73 20.55
N SER A 103 -6.92 -2.86 21.02
CA SER A 103 -7.31 -2.97 22.42
CA SER A 103 -7.30 -3.03 22.42
C SER A 103 -6.09 -3.04 23.34
N LEU A 104 -4.90 -3.10 22.76
CA LEU A 104 -3.67 -3.21 23.54
C LEU A 104 -2.95 -1.88 23.75
N VAL A 105 -3.50 -0.79 23.23
CA VAL A 105 -2.86 0.51 23.34
C VAL A 105 -3.80 1.59 23.87
N ASP A 106 -3.21 2.54 24.58
CA ASP A 106 -3.92 3.75 25.00
C ASP A 106 -3.47 4.93 24.15
N TYR A 107 -4.33 5.92 24.02
CA TYR A 107 -4.06 7.09 23.18
C TYR A 107 -5.18 8.09 23.45
N LYS A 108 -4.94 9.35 23.13
CA LYS A 108 -5.98 10.37 23.29
C LYS A 108 -7.15 10.06 22.38
N PRO A 109 -8.39 10.23 22.88
CA PRO A 109 -9.58 9.85 22.11
C PRO A 109 -9.69 10.53 20.75
N GLU A 110 -9.18 11.76 20.62
CA GLU A 110 -9.27 12.46 19.33
C GLU A 110 -8.57 11.69 18.21
N LEU A 111 -7.67 10.79 18.57
CA LEU A 111 -6.87 10.02 17.61
C LEU A 111 -7.55 8.74 17.14
N GLN A 112 -8.74 8.45 17.67
CA GLN A 112 -9.42 7.17 17.45
C GLN A 112 -9.37 6.63 16.03
N LYS A 113 -9.77 7.42 15.04
CA LYS A 113 -9.85 6.89 13.67
CA LYS A 113 -9.84 6.92 13.67
C LYS A 113 -8.46 6.57 13.11
N GLY A 114 -7.46 7.34 13.50
CA GLY A 114 -6.10 7.05 13.07
C GLY A 114 -5.60 5.76 13.68
N GLU A 116 -7.50 3.28 14.73
CA GLU A 116 -8.23 2.20 14.09
C GLU A 116 -7.54 1.76 12.80
N PHE A 117 -7.05 2.73 12.04
CA PHE A 117 -6.30 2.43 10.83
C PHE A 117 -5.00 1.67 11.11
N VAL A 118 -4.25 2.09 12.13
CA VAL A 118 -2.97 1.43 12.38
C VAL A 118 -3.13 0.08 13.07
N PHE A 119 -4.04 0.00 14.04
CA PHE A 119 -4.09 -1.14 14.96
C PHE A 119 -5.43 -1.89 14.95
N GLY A 120 -6.43 -1.34 14.28
CA GLY A 120 -7.77 -1.91 14.33
C GLY A 120 -8.07 -2.95 13.28
N THR A 121 -7.07 -3.32 12.51
CA THR A 121 -7.27 -4.23 11.39
C THR A 121 -6.41 -5.49 11.47
N THR A 122 -5.77 -5.70 12.63
CA THR A 122 -4.88 -6.83 12.84
C THR A 122 -5.16 -7.47 14.20
N PHE A 123 -5.11 -8.80 14.25
CA PHE A 123 -5.24 -9.52 15.52
C PHE A 123 -3.86 -9.76 16.12
N VAL A 124 -3.80 -9.86 17.45
CA VAL A 124 -2.61 -10.33 18.15
C VAL A 124 -2.98 -11.60 18.91
N CYS A 125 -2.23 -12.68 18.67
CA CYS A 125 -2.47 -13.96 19.35
C CYS A 125 -1.29 -14.37 20.22
N ASN A 126 -1.54 -15.27 21.17
CA ASN A 126 -0.50 -15.67 22.12
C ASN A 126 0.64 -16.45 21.50
N ASN A 127 0.34 -17.27 20.50
CA ASN A 127 1.36 -18.14 19.93
C ASN A 127 1.06 -18.46 18.46
N ASP A 129 0.46 -21.37 16.80
CA ASP A 129 -0.63 -22.28 16.49
C ASP A 129 -1.96 -21.53 16.44
N ASN A 130 -2.21 -20.72 17.45
CA ASN A 130 -3.45 -19.96 17.50
C ASN A 130 -3.50 -18.86 16.43
N ALA A 131 -2.37 -18.21 16.18
CA ALA A 131 -2.31 -17.19 15.14
C ALA A 131 -2.71 -17.76 13.78
N LYS A 132 -2.22 -18.96 13.48
CA LYS A 132 -2.50 -19.60 12.21
C LYS A 132 -3.96 -19.99 12.13
N LYS A 133 -4.49 -20.53 13.22
CA LYS A 133 -5.90 -20.91 13.30
C LYS A 133 -6.83 -19.72 13.04
N VAL A 134 -6.51 -18.59 13.64
CA VAL A 134 -7.32 -17.38 13.47
C VAL A 134 -7.19 -16.79 12.08
N ALA A 135 -5.95 -16.56 11.66
CA ALA A 135 -5.68 -15.85 10.41
C ALA A 135 -6.34 -16.50 9.21
N PHE A 136 -6.25 -17.83 9.14
CA PHE A 136 -6.64 -18.54 7.93
C PHE A 136 -8.04 -19.14 7.97
N ASP A 137 -8.74 -18.96 9.09
CA ASP A 137 -10.12 -19.42 9.18
C ASP A 137 -10.94 -18.72 8.10
N LYS A 138 -11.72 -19.49 7.35
CA LYS A 138 -12.48 -18.93 6.23
C LYS A 138 -13.43 -17.81 6.67
N ARG A 139 -13.83 -17.83 7.94
CA ARG A 139 -14.74 -16.83 8.48
C ARG A 139 -14.01 -15.57 8.94
N ILE A 140 -12.69 -15.65 9.03
CA ILE A 140 -11.90 -14.57 9.61
C ILE A 140 -10.97 -13.91 8.58
N THR A 142 -7.94 -12.74 8.38
CA THR A 142 -7.41 -11.48 8.88
C THR A 142 -5.97 -11.62 9.35
N ARG A 143 -5.13 -10.68 8.91
CA ARG A 143 -3.75 -10.60 9.37
C ARG A 143 -3.65 -10.74 10.89
N THR A 144 -2.75 -11.62 11.34
CA THR A 144 -2.58 -11.91 12.76
C THR A 144 -1.09 -11.96 13.12
N VAL A 145 -0.73 -11.35 14.25
CA VAL A 145 0.65 -11.29 14.71
C VAL A 145 0.75 -11.97 16.08
N THR A 146 1.81 -12.77 16.29
CA THR A 146 2.00 -13.39 17.60
C THR A 146 2.74 -12.48 18.56
N LEU A 147 2.65 -12.80 19.85
CA LEU A 147 3.40 -12.04 20.85
C LEU A 147 4.91 -12.15 20.59
N GLY A 148 5.32 -13.21 19.90
CA GLY A 148 6.70 -13.39 19.52
C GLY A 148 7.12 -12.60 18.30
N GLY A 149 6.16 -11.94 17.66
CA GLY A 149 6.43 -11.08 16.53
C GLY A 149 6.34 -11.74 15.16
N ASP A 150 5.78 -12.95 15.10
CA ASP A 150 5.57 -13.60 13.80
C ASP A 150 4.25 -13.18 13.19
N VAL A 151 4.23 -13.11 11.86
CA VAL A 151 3.08 -12.62 11.11
C VAL A 151 2.46 -13.73 10.26
N PHE A 152 1.13 -13.79 10.27
CA PHE A 152 0.40 -14.70 9.40
C PHE A 152 -0.67 -13.90 8.67
N ASP A 153 -0.57 -13.88 7.34
CA ASP A 153 -1.44 -13.03 6.54
C ASP A 153 -1.97 -13.84 5.37
N PRO A 154 -3.29 -14.05 5.33
CA PRO A 154 -3.96 -14.85 4.31
C PRO A 154 -3.83 -14.18 2.95
N HIS A 155 -3.49 -12.91 2.96
CA HIS A 155 -3.32 -12.14 1.73
C HIS A 155 -1.88 -11.67 1.58
N GLY B 1 17.53 -6.05 -11.73
CA GLY B 1 18.47 -6.62 -10.79
C GLY B 1 18.86 -8.05 -11.15
N LYS B 2 19.64 -8.69 -10.28
CA LYS B 2 20.14 -10.03 -10.54
C LYS B 2 19.00 -11.02 -10.79
N VAL B 3 17.91 -10.87 -10.04
CA VAL B 3 16.79 -11.80 -10.15
C VAL B 3 16.14 -11.74 -11.53
N LEU B 4 15.76 -10.55 -11.96
CA LEU B 4 15.15 -10.38 -13.28
C LEU B 4 16.11 -10.86 -14.36
N ASP B 5 17.38 -10.50 -14.23
CA ASP B 5 18.40 -10.93 -15.20
C ASP B 5 18.43 -12.43 -15.34
N ALA B 6 18.42 -13.14 -14.21
CA ALA B 6 18.47 -14.59 -14.23
C ALA B 6 17.26 -15.18 -14.91
N ILE B 7 16.08 -14.64 -14.61
CA ILE B 7 14.85 -15.11 -15.23
C ILE B 7 14.85 -14.86 -16.74
N ILE B 8 15.33 -13.69 -17.14
CA ILE B 8 15.37 -13.34 -18.57
C ILE B 8 16.30 -14.29 -19.32
N GLN B 9 17.41 -14.70 -18.69
CA GLN B 9 18.30 -15.68 -19.32
C GLN B 9 17.61 -17.04 -19.51
N GLU B 10 16.80 -17.44 -18.52
CA GLU B 10 16.04 -18.68 -18.66
C GLU B 10 15.03 -18.60 -19.81
N LYS B 11 14.47 -17.41 -20.03
CA LYS B 11 13.58 -17.19 -21.16
C LYS B 11 14.33 -17.21 -22.49
N LYS B 12 15.41 -16.44 -22.57
N LYS B 12 15.40 -16.41 -22.57
N LYS B 12 15.40 -16.41 -22.57
CA LYS B 12 16.16 -16.29 -23.82
CA LYS B 12 16.18 -16.29 -23.80
CA LYS B 12 16.17 -16.29 -23.80
C LYS B 12 16.80 -17.60 -24.26
C LYS B 12 16.73 -17.64 -24.25
C LYS B 12 16.70 -17.65 -24.25
N SER B 13 17.27 -18.39 -23.30
CA SER B 13 17.88 -19.67 -23.60
C SER B 13 16.84 -20.70 -24.03
N GLY B 14 15.60 -20.48 -23.61
CA GLY B 14 14.53 -21.42 -23.87
C GLY B 14 14.43 -22.51 -22.82
N ARG B 15 15.23 -22.41 -21.77
CA ARG B 15 15.21 -23.44 -20.73
C ARG B 15 13.89 -23.47 -19.99
N ILE B 16 13.32 -22.29 -19.75
CA ILE B 16 12.02 -22.22 -19.12
C ILE B 16 11.09 -21.51 -20.07
N PRO B 17 10.34 -22.30 -20.86
CA PRO B 17 9.34 -21.70 -21.74
C PRO B 17 8.25 -21.05 -20.89
N GLY B 18 7.62 -20.03 -21.45
CA GLY B 18 6.44 -19.45 -20.84
C GLY B 18 6.66 -18.15 -20.12
N ILE B 19 7.90 -17.66 -20.10
CA ILE B 19 8.20 -16.38 -19.47
C ILE B 19 7.96 -15.22 -20.44
N TYR B 20 7.25 -14.19 -19.99
CA TYR B 20 7.09 -12.99 -20.79
C TYR B 20 8.09 -11.93 -20.36
N GLY B 21 8.06 -11.58 -19.08
CA GLY B 21 9.02 -10.62 -18.54
C GLY B 21 8.42 -9.75 -17.46
N ARG B 22 9.19 -8.76 -17.01
CA ARG B 22 8.69 -7.81 -16.02
C ARG B 22 7.50 -7.07 -16.60
N LEU B 23 6.43 -6.97 -15.83
CA LEU B 23 5.18 -6.38 -16.33
C LEU B 23 5.39 -5.00 -16.96
N GLY B 24 6.14 -4.15 -16.28
CA GLY B 24 6.36 -2.79 -16.75
C GLY B 24 7.10 -2.69 -18.07
N ASP B 25 7.75 -3.78 -18.48
CA ASP B 25 8.47 -3.83 -19.74
C ASP B 25 7.56 -4.28 -20.88
N LEU B 26 6.34 -4.68 -20.53
CA LEU B 26 5.44 -5.29 -21.49
C LEU B 26 4.35 -4.35 -21.99
N GLY B 27 4.47 -3.07 -21.62
CA GLY B 27 3.56 -2.05 -22.11
C GLY B 27 4.26 -0.71 -22.14
N ALA B 28 3.60 0.29 -22.70
CA ALA B 28 4.17 1.63 -22.78
C ALA B 28 3.19 2.68 -22.27
N ILE B 29 3.71 3.85 -21.91
CA ILE B 29 2.88 4.94 -21.46
C ILE B 29 3.55 6.26 -21.82
N ASP B 30 2.76 7.30 -22.02
CA ASP B 30 3.33 8.62 -22.30
C ASP B 30 4.26 9.01 -21.16
N GLU B 31 5.40 9.63 -21.51
CA GLU B 31 6.42 9.95 -20.51
C GLU B 31 5.91 10.87 -19.40
N LYS B 32 4.88 11.65 -19.72
CA LYS B 32 4.21 12.52 -18.75
C LYS B 32 3.83 11.78 -17.47
N TYR B 33 3.54 10.48 -17.62
CA TYR B 33 3.04 9.68 -16.51
C TYR B 33 4.10 8.80 -15.85
N ASP B 34 5.36 8.94 -16.27
CA ASP B 34 6.44 8.07 -15.76
C ASP B 34 6.58 8.09 -14.23
N ILE B 35 6.61 9.29 -13.65
CA ILE B 35 6.77 9.40 -12.21
CA ILE B 35 6.76 9.41 -12.21
C ILE B 35 5.54 8.82 -11.50
N ALA B 36 4.36 9.14 -12.01
CA ALA B 36 3.12 8.64 -11.42
C ALA B 36 3.11 7.12 -11.35
N ILE B 37 3.35 6.48 -12.49
CA ILE B 37 3.18 5.03 -12.54
C ILE B 37 4.28 4.31 -11.74
N SER B 38 5.50 4.86 -11.76
CA SER B 38 6.58 4.29 -10.97
CA SER B 38 6.57 4.27 -10.97
CA SER B 38 6.59 4.30 -10.97
C SER B 38 6.31 4.41 -9.47
N SER B 39 5.66 5.49 -9.06
CA SER B 39 5.41 5.71 -7.64
CA SER B 39 5.41 5.71 -7.64
C SER B 39 4.31 4.82 -7.10
N CYS B 40 3.28 4.58 -7.89
CA CYS B 40 2.09 3.92 -7.35
C CYS B 40 1.89 2.45 -7.67
N CYS B 41 2.74 1.87 -8.51
CA CYS B 41 2.48 0.51 -8.99
C CYS B 41 3.68 -0.41 -8.87
N HIS B 42 3.87 -0.98 -7.69
CA HIS B 42 4.98 -1.89 -7.49
C HIS B 42 4.78 -3.21 -8.25
N ALA B 43 3.55 -3.47 -8.68
CA ALA B 43 3.26 -4.68 -9.44
C ALA B 43 3.92 -4.66 -10.81
N LEU B 44 4.38 -3.48 -11.22
CA LEU B 44 5.11 -3.34 -12.48
C LEU B 44 6.39 -4.16 -12.47
N ASP B 45 6.85 -4.50 -11.27
CA ASP B 45 8.06 -5.29 -11.12
C ASP B 45 7.78 -6.78 -11.03
N TYR B 46 6.51 -7.17 -11.03
CA TYR B 46 6.18 -8.60 -11.02
C TYR B 46 6.51 -9.18 -12.38
N ILE B 47 6.83 -10.47 -12.41
CA ILE B 47 7.21 -11.13 -13.65
C ILE B 47 6.04 -11.91 -14.21
N VAL B 48 5.67 -11.59 -15.45
CA VAL B 48 4.54 -12.24 -16.10
C VAL B 48 4.99 -13.53 -16.78
N VAL B 49 4.25 -14.60 -16.51
CA VAL B 49 4.48 -15.91 -17.11
C VAL B 49 3.15 -16.46 -17.59
N ASP B 50 3.19 -17.51 -18.40
CA ASP B 50 1.95 -18.03 -18.96
C ASP B 50 1.04 -18.69 -17.93
N SER B 51 1.63 -19.41 -16.98
CA SER B 51 0.85 -20.26 -16.08
C SER B 51 1.43 -20.37 -14.67
N ILE B 52 0.62 -20.86 -13.74
CA ILE B 52 1.06 -21.10 -12.37
C ILE B 52 2.21 -22.11 -12.33
N ASP B 53 2.17 -23.09 -13.22
CA ASP B 53 3.23 -24.09 -13.30
C ASP B 53 4.56 -23.44 -13.67
N THR B 54 4.52 -22.53 -14.65
CA THR B 54 5.74 -21.85 -15.04
C THR B 54 6.25 -20.96 -13.91
N ALA B 55 5.33 -20.30 -13.22
CA ALA B 55 5.67 -19.49 -12.06
C ALA B 55 6.43 -20.32 -11.03
N GLN B 56 5.87 -21.48 -10.70
CA GLN B 56 6.49 -22.35 -9.70
C GLN B 56 7.86 -22.84 -10.15
N GLU B 57 8.00 -23.07 -11.45
CA GLU B 57 9.29 -23.48 -11.99
C GLU B 57 10.35 -22.39 -11.79
N CYS B 58 9.96 -21.14 -12.02
CA CYS B 58 10.86 -20.01 -11.82
C CYS B 58 11.20 -19.82 -10.35
N VAL B 59 10.20 -19.95 -9.49
CA VAL B 59 10.43 -19.86 -8.05
C VAL B 59 11.45 -20.92 -7.62
N ASN B 60 11.26 -22.15 -8.09
CA ASN B 60 12.16 -23.25 -7.76
C ASN B 60 13.57 -23.01 -8.27
N PHE B 61 13.67 -22.47 -9.49
CA PHE B 61 14.96 -22.13 -10.08
C PHE B 61 15.70 -21.09 -9.24
N LEU B 62 15.02 -20.02 -8.86
CA LEU B 62 15.65 -18.94 -8.09
C LEU B 62 16.17 -19.44 -6.75
N LYS B 63 15.41 -20.32 -6.12
CA LYS B 63 15.80 -20.85 -4.82
C LYS B 63 16.96 -21.84 -4.95
N LYS B 64 16.87 -22.74 -5.92
CA LYS B 64 17.92 -23.73 -6.12
C LYS B 64 19.30 -23.07 -6.27
N HIS B 65 19.35 -21.91 -6.92
CA HIS B 65 20.61 -21.27 -7.23
C HIS B 65 20.97 -20.08 -6.32
N ASN B 66 20.25 -19.94 -5.21
CA ASN B 66 20.55 -18.88 -4.24
C ASN B 66 20.44 -17.48 -4.85
N ILE B 67 19.63 -17.34 -5.89
CA ILE B 67 19.54 -16.06 -6.61
C ILE B 67 18.70 -15.02 -5.87
N GLY B 68 17.57 -15.46 -5.32
CA GLY B 68 16.68 -14.57 -4.61
C GLY B 68 15.23 -14.93 -4.82
N ILE B 69 14.35 -13.94 -4.68
CA ILE B 69 12.93 -14.17 -4.87
C ILE B 69 12.31 -13.12 -5.77
N ALA B 70 11.22 -13.50 -6.42
CA ALA B 70 10.47 -12.59 -7.27
C ALA B 70 9.00 -12.88 -7.06
N THR B 71 8.14 -11.97 -7.52
CA THR B 71 6.71 -12.20 -7.50
C THR B 71 6.25 -12.38 -8.93
N PHE B 72 5.36 -13.34 -9.15
CA PHE B 72 4.95 -13.71 -10.49
C PHE B 72 3.46 -13.47 -10.73
N ILE B 73 3.13 -13.16 -11.97
CA ILE B 73 1.75 -13.06 -12.42
C ILE B 73 1.57 -14.12 -13.50
N GLY B 74 0.66 -15.06 -13.27
CA GLY B 74 0.35 -16.05 -14.29
C GLY B 74 -0.83 -15.58 -15.12
N LEU B 75 -0.65 -15.53 -16.44
CA LEU B 75 -1.72 -15.08 -17.33
C LEU B 75 -2.97 -15.95 -17.17
N ASP B 76 -2.77 -17.20 -16.78
CA ASP B 76 -3.89 -18.12 -16.57
C ASP B 76 -4.85 -17.66 -15.47
N LYS B 77 -4.34 -16.85 -14.54
CA LYS B 77 -5.16 -16.32 -13.45
C LYS B 77 -5.72 -14.94 -13.75
N THR B 79 -7.53 -14.03 -16.50
CA THR B 79 -8.72 -14.06 -17.34
C THR B 79 -9.96 -13.55 -16.62
N VAL B 80 -9.93 -13.55 -15.29
CA VAL B 80 -11.04 -13.04 -14.49
C VAL B 80 -11.30 -11.57 -14.75
N TRP B 81 -10.33 -10.87 -15.36
CA TRP B 81 -10.49 -9.45 -15.62
C TRP B 81 -11.02 -9.15 -17.03
N ALA B 82 -11.25 -10.19 -17.82
CA ALA B 82 -11.62 -10.03 -19.23
C ALA B 82 -12.78 -9.08 -19.50
N LYS B 83 -13.78 -9.09 -18.63
CA LYS B 83 -14.97 -8.28 -18.82
C LYS B 83 -15.05 -7.13 -17.82
N LYS B 84 -13.92 -6.78 -17.22
CA LYS B 84 -13.92 -5.81 -16.13
C LYS B 84 -13.12 -4.54 -16.43
N SER B 86 -13.76 -2.11 -18.92
CA SER B 86 -14.43 -1.02 -19.61
CA SER B 86 -14.41 -1.01 -19.61
C SER B 86 -14.27 0.30 -18.85
N LYS B 87 -14.19 1.39 -19.58
CA LYS B 87 -14.05 2.70 -18.95
C LYS B 87 -15.26 3.03 -18.08
N ILE B 88 -14.99 3.79 -17.01
CA ILE B 88 -16.01 4.17 -16.06
C ILE B 88 -15.97 5.67 -15.86
N GLN B 89 -17.07 6.22 -15.34
CA GLN B 89 -17.11 7.63 -15.00
C GLN B 89 -16.21 7.89 -13.80
N THR B 90 -15.32 8.88 -13.92
CA THR B 90 -14.44 9.25 -12.83
C THR B 90 -14.65 10.71 -12.44
N PRO B 91 -14.34 11.07 -11.18
CA PRO B 91 -14.50 12.46 -10.77
C PRO B 91 -13.67 13.40 -11.64
N GLU B 92 -14.31 14.46 -12.12
CA GLU B 92 -13.66 15.46 -12.98
C GLU B 92 -13.11 14.84 -14.27
N ASN B 93 -13.65 13.68 -14.64
CA ASN B 93 -13.18 12.94 -15.79
CA ASN B 93 -13.18 12.94 -15.79
C ASN B 93 -11.67 12.76 -15.74
N THR B 94 -11.14 12.56 -14.53
CA THR B 94 -9.72 12.35 -14.39
CA THR B 94 -9.72 12.32 -14.31
C THR B 94 -9.35 10.99 -14.96
N PRO B 95 -8.17 10.92 -15.62
CA PRO B 95 -7.82 9.65 -16.28
C PRO B 95 -7.53 8.52 -15.31
N ARG B 96 -7.83 7.31 -15.75
CA ARG B 96 -7.43 6.10 -15.07
C ARG B 96 -6.10 5.63 -15.66
N LEU B 97 -5.10 5.41 -14.82
CA LEU B 97 -3.78 5.01 -15.32
C LEU B 97 -3.87 3.82 -16.26
N PHE B 98 -4.67 2.82 -15.90
CA PHE B 98 -4.86 1.66 -16.75
C PHE B 98 -5.20 2.04 -18.19
N ASP B 99 -6.06 3.04 -18.36
CA ASP B 99 -6.50 3.39 -19.72
C ASP B 99 -5.40 4.05 -20.56
N LEU B 100 -4.35 4.52 -19.88
CA LEU B 100 -3.23 5.19 -20.53
C LEU B 100 -2.15 4.23 -20.99
N VAL B 101 -2.23 2.97 -20.55
CA VAL B 101 -1.23 1.98 -20.91
C VAL B 101 -1.47 1.45 -22.31
N LYS B 102 -0.42 1.52 -23.13
CA LYS B 102 -0.48 1.04 -24.50
C LYS B 102 0.09 -0.36 -24.58
N VAL B 103 -0.73 -1.29 -25.02
CA VAL B 103 -0.32 -2.69 -25.13
C VAL B 103 -1.19 -3.38 -26.18
N LYS B 104 -0.58 -4.22 -27.02
CA LYS B 104 -1.30 -4.91 -28.07
C LYS B 104 -1.77 -6.31 -27.64
N ASN B 105 -1.01 -6.94 -26.75
CA ASN B 105 -1.38 -8.27 -26.27
C ASN B 105 -2.52 -8.17 -25.25
N GLU B 106 -3.68 -8.72 -25.58
CA GLU B 106 -4.85 -8.57 -24.72
C GLU B 106 -4.75 -9.34 -23.40
N GLU B 107 -3.99 -10.43 -23.38
CA GLU B 107 -3.75 -11.14 -22.13
C GLU B 107 -2.93 -10.29 -21.18
N ILE B 108 -1.89 -9.65 -21.71
CA ILE B 108 -1.06 -8.76 -20.90
CA ILE B 108 -1.05 -8.74 -20.93
C ILE B 108 -1.87 -7.55 -20.44
N ARG B 109 -2.81 -7.08 -21.25
CA ARG B 109 -3.66 -5.98 -20.81
C ARG B 109 -4.42 -6.36 -19.54
N GLN B 110 -4.86 -7.62 -19.46
CA GLN B 110 -5.54 -8.12 -18.26
C GLN B 110 -4.63 -8.02 -17.05
N ALA B 111 -3.36 -8.37 -17.23
CA ALA B 111 -2.37 -8.24 -16.17
C ALA B 111 -2.22 -6.79 -15.72
N PHE B 112 -2.25 -5.86 -16.68
CA PHE B 112 -2.18 -4.45 -16.33
C PHE B 112 -3.39 -4.01 -15.51
N TYR B 113 -4.57 -4.57 -15.81
CA TYR B 113 -5.73 -4.22 -15.02
C TYR B 113 -5.60 -4.75 -13.59
N PHE B 114 -5.10 -5.97 -13.46
CA PHE B 114 -4.80 -6.53 -12.16
C PHE B 114 -3.86 -5.62 -11.36
N ALA B 115 -2.83 -5.13 -12.01
CA ALA B 115 -1.81 -4.31 -11.36
C ALA B 115 -2.29 -2.91 -10.99
N LEU B 116 -3.06 -2.28 -11.87
CA LEU B 116 -3.43 -0.87 -11.71
C LEU B 116 -4.86 -0.64 -11.23
N ARG B 117 -5.74 -1.58 -11.57
CA ARG B 117 -7.16 -1.46 -11.25
C ARG B 117 -7.70 -0.07 -11.58
N ASP B 118 -8.46 0.54 -10.67
CA ASP B 118 -9.06 1.84 -10.98
C ASP B 118 -8.29 3.02 -10.39
N THR B 119 -6.98 2.88 -10.25
CA THR B 119 -6.13 3.97 -9.80
C THR B 119 -6.23 5.12 -10.79
N LEU B 120 -6.46 6.33 -10.28
CA LEU B 120 -6.57 7.53 -11.10
C LEU B 120 -5.29 8.33 -11.03
N VAL B 121 -5.04 9.14 -12.06
CA VAL B 121 -3.93 10.08 -12.04
C VAL B 121 -4.43 11.52 -12.12
N ALA B 122 -4.06 12.33 -11.13
CA ALA B 122 -4.49 13.71 -11.04
C ALA B 122 -3.31 14.64 -11.31
N ASN B 123 -3.61 15.89 -11.65
CA ASN B 123 -2.57 16.83 -12.09
C ASN B 123 -1.75 17.40 -10.96
N ASN B 124 -2.34 17.44 -9.78
CA ASN B 124 -1.68 17.96 -8.60
C ASN B 124 -2.44 17.51 -7.36
N LEU B 125 -1.90 17.79 -6.18
CA LEU B 125 -2.48 17.30 -4.95
C LEU B 125 -3.83 17.96 -4.67
N ASP B 126 -3.97 19.21 -5.10
CA ASP B 126 -5.25 19.91 -4.99
C ASP B 126 -6.35 19.08 -5.66
N GLN B 127 -6.13 18.73 -6.92
CA GLN B 127 -7.11 17.93 -7.63
C GLN B 127 -7.24 16.53 -7.02
N ALA B 128 -6.12 15.93 -6.64
CA ALA B 128 -6.15 14.60 -6.03
C ALA B 128 -7.10 14.54 -4.83
N THR B 129 -7.04 15.57 -3.98
CA THR B 129 -7.89 15.61 -2.80
CA THR B 129 -7.89 15.57 -2.79
C THR B 129 -9.36 15.66 -3.16
N ARG B 130 -9.71 16.45 -4.16
CA ARG B 130 -11.10 16.53 -4.59
C ARG B 130 -11.57 15.19 -5.15
N VAL B 131 -10.72 14.57 -5.96
CA VAL B 131 -11.08 13.34 -6.66
C VAL B 131 -11.14 12.13 -5.72
N ALA B 132 -10.18 12.01 -4.81
CA ALA B 132 -10.06 10.82 -3.98
C ALA B 132 -11.23 10.68 -3.02
N TYR B 133 -11.60 11.80 -2.40
CA TYR B 133 -12.49 11.76 -1.24
C TYR B 133 -13.96 11.96 -1.62
N GLN B 134 -14.44 11.17 -2.58
CA GLN B 134 -15.84 11.26 -2.97
C GLN B 134 -16.71 10.62 -1.89
N ARG B 135 -17.92 11.13 -1.72
CA ARG B 135 -18.81 10.62 -0.68
C ARG B 135 -19.14 9.15 -0.88
N ASP B 136 -19.32 8.74 -2.14
CA ASP B 136 -19.83 7.41 -2.42
C ASP B 136 -18.72 6.40 -2.75
N ARG B 137 -17.50 6.87 -2.95
CA ARG B 137 -16.43 6.00 -3.43
C ARG B 137 -15.07 6.63 -3.17
N ARG B 138 -14.24 5.94 -2.39
CA ARG B 138 -12.86 6.39 -2.21
C ARG B 138 -12.03 5.87 -3.36
N TRP B 139 -11.45 6.78 -4.12
CA TRP B 139 -10.61 6.43 -5.24
C TRP B 139 -9.14 6.49 -4.85
N ARG B 140 -8.37 5.54 -5.36
CA ARG B 140 -6.91 5.61 -5.21
C ARG B 140 -6.40 6.58 -6.26
N VAL B 141 -5.62 7.58 -5.84
CA VAL B 141 -5.18 8.63 -6.75
C VAL B 141 -3.70 8.89 -6.61
N VAL B 142 -3.00 8.95 -7.75
CA VAL B 142 -1.61 9.37 -7.77
C VAL B 142 -1.51 10.67 -8.57
N THR B 143 -0.66 11.59 -8.13
CA THR B 143 -0.45 12.81 -8.91
C THR B 143 0.67 12.65 -9.93
N LEU B 144 0.76 13.58 -10.88
CA LEU B 144 1.85 13.58 -11.84
C LEU B 144 3.21 13.67 -11.13
N GLN B 145 3.20 14.16 -9.89
CA GLN B 145 4.40 14.30 -9.10
C GLN B 145 4.66 13.10 -8.18
N GLY B 146 3.85 12.05 -8.31
CA GLY B 146 4.05 10.83 -7.53
C GLY B 146 3.48 10.81 -6.13
N GLN B 147 2.74 11.85 -5.76
CA GLN B 147 2.07 11.85 -4.46
C GLN B 147 0.86 10.92 -4.54
N ILE B 148 0.54 10.22 -3.45
CA ILE B 148 -0.52 9.21 -3.51
C ILE B 148 -1.53 9.38 -2.40
N ILE B 149 -2.80 9.35 -2.77
CA ILE B 149 -3.88 9.22 -1.80
C ILE B 149 -4.43 7.81 -1.90
N GLU B 150 -4.23 7.01 -0.85
CA GLU B 150 -4.70 5.64 -0.84
C GLU B 150 -6.20 5.62 -0.55
N GLN B 151 -6.85 4.50 -0.83
CA GLN B 151 -8.28 4.38 -0.53
C GLN B 151 -8.58 4.55 0.98
N SER B 152 -7.62 4.18 1.82
CA SER B 152 -7.73 4.38 3.26
C SER B 152 -7.84 5.86 3.59
N GLY B 153 -7.27 6.70 2.70
CA GLY B 153 -7.29 8.13 2.91
C GLY B 153 -5.95 8.72 3.29
N THR B 154 -4.94 7.89 3.50
CA THR B 154 -3.61 8.44 3.74
C THR B 154 -3.12 9.23 2.53
N SER B 156 0.52 10.67 0.78
CA SER B 156 1.97 10.50 0.83
C SER B 156 2.70 11.37 -0.19
N GLY B 157 3.83 11.90 0.23
CA GLY B 157 4.65 12.73 -0.62
C GLY B 157 5.81 13.30 0.16
N GLY B 158 6.64 14.09 -0.52
CA GLY B 158 7.78 14.74 0.10
C GLY B 158 9.05 14.41 -0.65
N LEU B 159 9.96 15.39 -0.70
CA LEU B 159 11.26 15.21 -1.33
C LEU B 159 11.15 14.87 -2.83
N GLU B 160 10.11 15.40 -3.46
CA GLU B 160 9.94 15.24 -4.90
C GLU B 160 11.17 15.73 -5.67
N HIS B 161 11.90 16.70 -5.10
CA HIS B 161 13.05 17.25 -5.81
C HIS B 161 14.20 16.27 -5.96
N HIS B 162 14.09 15.10 -5.33
CA HIS B 162 15.10 14.06 -5.51
C HIS B 162 14.61 12.88 -6.37
N HIS B 163 13.42 13.00 -6.95
CA HIS B 163 12.94 11.91 -7.80
CA HIS B 163 12.91 11.92 -7.80
C HIS B 163 13.87 11.59 -8.95
N HIS B 164 14.56 12.61 -9.48
CA HIS B 164 15.44 12.43 -10.62
C HIS B 164 16.89 12.38 -10.22
N HIS B 165 17.15 11.94 -9.00
CA HIS B 165 18.52 11.78 -8.54
C HIS B 165 19.27 10.79 -9.42
N HIS B 166 20.54 11.06 -9.72
CA HIS B 166 21.30 10.13 -10.53
C HIS B 166 21.60 8.90 -9.71
#